data_2IUL
#
_entry.id   2IUL
#
_cell.length_a   56.633
_cell.length_b   84.723
_cell.length_c   134.466
_cell.angle_alpha   90.00
_cell.angle_beta   90.00
_cell.angle_gamma   90.00
#
_symmetry.space_group_name_H-M   'P 21 21 21'
#
loop_
_entity.id
_entity.type
_entity.pdbx_description
1 polymer 'ANGIOTENSIN-CONVERTING ENZYME'
2 branched beta-D-mannopyranose-(1-3)-beta-D-mannopyranose-(1-4)-2-acetamido-2-deoxy-beta-D-glucopyranose-(1-4)-[alpha-L-fucopyranose-(1-6)]2-acetamido-2-deoxy-beta-D-glucopyranose
3 non-polymer 2-acetamido-2-deoxy-beta-D-glucopyranose
4 non-polymer 'ACETATE ION'
5 non-polymer 'CHLORIDE ION'
6 non-polymer 'ZINC ION'
7 water water
#
_entity_poly.entity_id   1
_entity_poly.type   'polypeptide(L)'
_entity_poly.pdbx_seq_one_letter_code
;LVTDEAEASKFVEEYDRTSQVVWNEYAEANWNYNTNITTETSKILLQKNMQIAQHTLKYGTQARKFDVNQLQNTTIKRII
KKVQDLERAALPAQELEEYNKILLDMETTYSVATVCHPQGSCLQLEPDLTNVMATSRKYEDLLWAWEGWRDKAGRAILQF
YPKYVELINQAARLNGYVDAGDSWRSMYETPSLEQDLERLFQELQPLYLNLHAYVRRALHRHYGAQHINLEGPIPAHLLG
NMWAQTWSNIYDLVVPFPSAPSMDTTEAMLKQGWTPRRMFKEADDFFTSLGLLPVPPEFWQKSMLEKPTDGREVVCHASA
WDFYNGKDFRIKQCTTVNLEDLVVAHHEMGHIQYFMQYKDLPVALREGANPGFHEAIGDVLALSVSTPKHLHSLNLLSSE
GGSDEHDINFLMKMALDKIAFIPFSYLVDQWRWRVFDGSITKENYNQEWWSLRLKYQGLCPPVPRTQGDFDPGAKFHIPS
SVPYIRYFVSFIIQFQFHEALCQAAGHTGPLHKCDIYQSKEAGQRLATAMKLGFSRPWPEAMQLITGQPQMSASAMLSYF
KPLLDWLRTENELHGEKLGWPQYNWTPNSAR
;
_entity_poly.pdbx_strand_id   A
#
# COMPACT_ATOMS: atom_id res chain seq x y z
N ASP A 4 -28.57 10.54 -29.28
CA ASP A 4 -27.97 10.07 -28.00
C ASP A 4 -27.00 8.90 -28.17
N GLU A 5 -27.54 7.73 -28.51
CA GLU A 5 -26.77 6.48 -28.45
C GLU A 5 -25.65 6.37 -29.49
N ALA A 6 -25.86 6.96 -30.67
CA ALA A 6 -24.84 6.97 -31.72
C ALA A 6 -23.75 7.98 -31.39
N GLU A 7 -24.16 9.16 -30.93
CA GLU A 7 -23.22 10.20 -30.49
C GLU A 7 -22.36 9.73 -29.32
N ALA A 8 -22.98 8.99 -28.38
CA ALA A 8 -22.29 8.47 -27.20
C ALA A 8 -21.17 7.48 -27.55
N SER A 9 -21.48 6.54 -28.42
CA SER A 9 -20.54 5.54 -28.91
C SER A 9 -19.33 6.20 -29.62
N LYS A 10 -19.62 7.14 -30.52
CA LYS A 10 -18.57 7.87 -31.24
C LYS A 10 -17.71 8.69 -30.28
N PHE A 11 -18.35 9.37 -29.33
CA PHE A 11 -17.62 10.12 -28.31
C PHE A 11 -16.61 9.24 -27.59
N VAL A 12 -17.06 8.07 -27.15
CA VAL A 12 -16.22 7.13 -26.40
C VAL A 12 -15.03 6.64 -27.23
N GLU A 13 -15.28 6.34 -28.51
CA GLU A 13 -14.22 5.94 -29.44
C GLU A 13 -13.17 7.05 -29.61
N GLU A 14 -13.64 8.28 -29.78
CA GLU A 14 -12.74 9.43 -29.93
C GLU A 14 -11.98 9.70 -28.64
N TYR A 15 -12.69 9.68 -27.51
CA TYR A 15 -12.04 9.80 -26.21
C TYR A 15 -10.91 8.80 -26.07
N ASP A 16 -11.19 7.53 -26.38
CA ASP A 16 -10.22 6.45 -26.14
C ASP A 16 -8.93 6.57 -26.98
N ARG A 17 -9.07 6.87 -28.27
CA ARG A 17 -7.87 6.99 -29.10
C ARG A 17 -7.04 8.23 -28.77
N THR A 18 -7.68 9.36 -28.46
CA THR A 18 -6.96 10.56 -28.07
C THR A 18 -6.31 10.46 -26.67
N SER A 19 -7.03 9.87 -25.72
CA SER A 19 -6.50 9.60 -24.38
C SER A 19 -5.27 8.70 -24.40
N GLN A 20 -5.29 7.65 -25.23
CA GLN A 20 -4.13 6.75 -25.36
C GLN A 20 -2.84 7.55 -25.63
N VAL A 21 -2.90 8.48 -26.57
CA VAL A 21 -1.75 9.31 -26.94
C VAL A 21 -1.35 10.31 -25.84
N VAL A 22 -2.33 11.02 -25.29
CA VAL A 22 -2.04 12.05 -24.28
C VAL A 22 -1.52 11.44 -22.97
N TRP A 23 -2.13 10.33 -22.55
CA TRP A 23 -1.75 9.66 -21.29
C TRP A 23 -0.38 9.01 -21.41
N ASN A 24 -0.07 8.48 -22.58
CA ASN A 24 1.24 7.92 -22.85
C ASN A 24 2.33 8.98 -22.74
N GLU A 25 2.08 10.15 -23.35
CA GLU A 25 3.02 11.26 -23.29
C GLU A 25 3.22 11.75 -21.88
N TYR A 26 2.13 11.85 -21.11
CA TYR A 26 2.20 12.28 -19.72
C TYR A 26 2.99 11.30 -18.85
N ALA A 27 2.69 10.01 -19.01
CA ALA A 27 3.35 8.95 -18.25
C ALA A 27 4.87 8.97 -18.47
N GLU A 28 5.28 9.20 -19.73
CA GLU A 28 6.70 9.36 -20.09
C GLU A 28 7.38 10.47 -19.28
N ALA A 29 6.78 11.66 -19.28
CA ALA A 29 7.31 12.80 -18.54
C ALA A 29 7.32 12.56 -17.04
N ASN A 30 6.24 11.96 -16.53
CA ASN A 30 6.16 11.61 -15.12
C ASN A 30 7.26 10.63 -14.73
N TRP A 31 7.45 9.60 -15.56
CA TRP A 31 8.52 8.62 -15.35
C TRP A 31 9.89 9.29 -15.32
N ASN A 32 10.15 10.15 -16.31
CA ASN A 32 11.44 10.84 -16.43
C ASN A 32 11.79 11.65 -15.20
N TYR A 33 10.78 12.30 -14.61
CA TYR A 33 10.95 13.03 -13.35
CA TYR A 33 10.99 13.02 -13.38
C TYR A 33 11.23 12.08 -12.18
N ASN A 34 10.38 11.08 -12.02
CA ASN A 34 10.47 10.12 -10.90
C ASN A 34 11.80 9.35 -10.86
N THR A 35 12.41 9.17 -12.02
CA THR A 35 13.66 8.41 -12.11
C THR A 35 14.85 9.34 -12.33
N ASN A 36 14.60 10.64 -12.25
CA ASN A 36 15.64 11.64 -12.51
C ASN A 36 15.24 13.04 -12.06
N ILE A 37 15.26 13.26 -10.75
CA ILE A 37 14.72 14.48 -10.17
C ILE A 37 15.64 15.68 -10.44
N THR A 38 15.29 16.46 -11.45
CA THR A 38 16.05 17.67 -11.78
C THR A 38 15.08 18.82 -12.03
N THR A 39 15.63 20.03 -12.15
CA THR A 39 14.86 21.21 -12.54
C THR A 39 14.24 21.01 -13.94
N GLU A 40 15.03 20.50 -14.88
CA GLU A 40 14.56 20.28 -16.26
C GLU A 40 13.39 19.30 -16.35
N THR A 41 13.52 18.14 -15.71
CA THR A 41 12.45 17.13 -15.75
C THR A 41 11.21 17.59 -14.99
N SER A 42 11.40 18.45 -13.99
CA SER A 42 10.30 19.11 -13.27
C SER A 42 9.52 20.03 -14.19
N LYS A 43 10.24 20.89 -14.91
CA LYS A 43 9.65 21.84 -15.85
C LYS A 43 8.83 21.12 -16.92
N ILE A 44 9.43 20.10 -17.54
CA ILE A 44 8.75 19.29 -18.58
C ILE A 44 7.50 18.58 -18.04
N LEU A 45 7.58 18.06 -16.82
CA LEU A 45 6.43 17.43 -16.19
C LEU A 45 5.29 18.42 -15.97
N LEU A 46 5.59 19.55 -15.32
CA LEU A 46 4.59 20.60 -15.07
C LEU A 46 3.92 21.10 -16.35
N GLN A 47 4.68 21.10 -17.45
CA GLN A 47 4.18 21.45 -18.78
C GLN A 47 3.23 20.39 -19.34
N LYS A 48 3.61 19.11 -19.21
CA LYS A 48 2.77 18.01 -19.67
C LYS A 48 1.47 17.92 -18.86
N ASN A 49 1.52 18.39 -17.61
CA ASN A 49 0.33 18.56 -16.77
C ASN A 49 -0.74 19.40 -17.45
N MET A 50 -0.31 20.49 -18.08
CA MET A 50 -1.23 21.41 -18.73
C MET A 50 -1.80 20.81 -20.02
N GLN A 51 -0.99 20.02 -20.71
CA GLN A 51 -1.41 19.30 -21.91
C GLN A 51 -2.51 18.28 -21.60
N ILE A 52 -2.29 17.44 -20.60
CA ILE A 52 -3.28 16.43 -20.21
C ILE A 52 -4.58 17.07 -19.66
N ALA A 53 -4.44 18.19 -18.95
CA ALA A 53 -5.58 18.94 -18.41
C ALA A 53 -6.43 19.56 -19.53
N GLN A 54 -5.76 20.08 -20.57
CA GLN A 54 -6.42 20.55 -21.78
C GLN A 54 -7.31 19.46 -22.37
N HIS A 55 -6.72 18.29 -22.57
CA HIS A 55 -7.44 17.12 -23.09
C HIS A 55 -8.59 16.69 -22.19
N THR A 56 -8.33 16.66 -20.87
CA THR A 56 -9.34 16.29 -19.90
C THR A 56 -10.51 17.28 -19.90
N LEU A 57 -10.21 18.58 -19.95
CA LEU A 57 -11.25 19.62 -20.06
C LEU A 57 -12.10 19.47 -21.32
N LYS A 58 -11.44 19.33 -22.48
CA LYS A 58 -12.13 19.15 -23.77
C LYS A 58 -13.17 18.03 -23.71
N TYR A 59 -12.72 16.83 -23.36
CA TYR A 59 -13.59 15.67 -23.38
C TYR A 59 -14.55 15.62 -22.19
N GLY A 60 -14.08 16.11 -21.03
CA GLY A 60 -14.92 16.20 -19.83
C GLY A 60 -16.10 17.14 -19.98
N THR A 61 -15.85 18.32 -20.55
CA THR A 61 -16.93 19.27 -20.87
C THR A 61 -17.95 18.63 -21.80
N GLN A 62 -17.45 17.89 -22.79
CA GLN A 62 -18.30 17.19 -23.76
C GLN A 62 -19.09 16.06 -23.12
N ALA A 63 -18.45 15.28 -22.25
CA ALA A 63 -19.08 14.16 -21.55
C ALA A 63 -20.27 14.59 -20.69
N ARG A 64 -20.19 15.79 -20.12
CA ARG A 64 -21.21 16.31 -19.22
C ARG A 64 -22.46 16.78 -19.96
N LYS A 65 -22.37 16.82 -21.29
CA LYS A 65 -23.51 17.17 -22.13
C LYS A 65 -24.45 15.98 -22.35
N PHE A 66 -23.95 14.77 -22.11
CA PHE A 66 -24.76 13.55 -22.21
C PHE A 66 -25.55 13.29 -20.93
N ASP A 67 -26.80 12.88 -21.12
CA ASP A 67 -27.62 12.37 -20.01
C ASP A 67 -27.32 10.89 -19.88
N VAL A 68 -26.43 10.57 -18.94
CA VAL A 68 -25.89 9.23 -18.76
C VAL A 68 -26.94 8.19 -18.39
N ASN A 69 -27.80 8.52 -17.43
CA ASN A 69 -28.84 7.60 -16.96
C ASN A 69 -29.95 7.36 -18.00
N GLN A 70 -29.85 8.04 -19.14
CA GLN A 70 -30.77 7.89 -20.28
C GLN A 70 -30.13 7.17 -21.48
N LEU A 71 -29.04 6.44 -21.21
CA LEU A 71 -28.30 5.69 -22.24
C LEU A 71 -28.48 4.19 -22.08
N GLN A 72 -28.68 3.51 -23.21
CA GLN A 72 -28.97 2.08 -23.24
C GLN A 72 -27.79 1.21 -22.83
N ASN A 73 -26.66 1.38 -23.50
CA ASN A 73 -25.49 0.51 -23.27
C ASN A 73 -24.81 0.77 -21.92
N THR A 74 -24.59 -0.30 -21.18
CA THR A 74 -23.93 -0.27 -19.86
C THR A 74 -22.46 0.17 -19.91
N THR A 75 -21.69 -0.43 -20.82
CA THR A 75 -20.26 -0.14 -20.96
C THR A 75 -20.01 1.32 -21.35
N ILE A 76 -20.81 1.83 -22.29
CA ILE A 76 -20.72 3.22 -22.75
C ILE A 76 -21.14 4.22 -21.66
N LYS A 77 -22.24 3.91 -20.96
CA LYS A 77 -22.78 4.76 -19.90
C LYS A 77 -21.75 4.94 -18.78
N ARG A 78 -21.09 3.83 -18.45
CA ARG A 78 -20.04 3.79 -17.45
C ARG A 78 -18.79 4.61 -17.83
N ILE A 79 -18.39 4.52 -19.10
CA ILE A 79 -17.24 5.32 -19.58
C ILE A 79 -17.53 6.81 -19.48
N ILE A 80 -18.68 7.23 -20.03
CA ILE A 80 -19.07 8.64 -20.04
C ILE A 80 -19.24 9.23 -18.62
N LYS A 81 -19.83 8.46 -17.71
CA LYS A 81 -19.92 8.88 -16.30
C LYS A 81 -18.55 9.24 -15.74
N LYS A 82 -17.57 8.38 -16.00
CA LYS A 82 -16.20 8.60 -15.54
C LYS A 82 -15.51 9.84 -16.15
N VAL A 83 -15.69 10.03 -17.47
CA VAL A 83 -15.09 11.17 -18.19
C VAL A 83 -15.62 12.53 -17.72
N GLN A 84 -16.87 12.55 -17.25
CA GLN A 84 -17.47 13.74 -16.62
C GLN A 84 -16.69 14.24 -15.39
N ASP A 85 -15.95 13.34 -14.76
CA ASP A 85 -15.10 13.69 -13.62
C ASP A 85 -13.75 14.16 -14.14
N LEU A 86 -13.51 15.47 -14.04
CA LEU A 86 -12.28 16.09 -14.56
C LEU A 86 -11.11 15.92 -13.62
N GLU A 87 -11.41 15.47 -12.40
CA GLU A 87 -10.44 15.46 -11.29
C GLU A 87 -9.77 16.84 -11.18
N ARG A 88 -8.44 16.93 -11.13
CA ARG A 88 -7.77 18.23 -10.92
C ARG A 88 -7.97 19.23 -12.06
N ALA A 89 -8.28 18.73 -13.26
CA ALA A 89 -8.48 19.59 -14.43
C ALA A 89 -9.73 20.46 -14.33
N ALA A 90 -10.54 20.25 -13.28
CA ALA A 90 -11.70 21.11 -13.00
C ALA A 90 -11.31 22.46 -12.42
N LEU A 91 -10.10 22.53 -11.85
CA LEU A 91 -9.59 23.77 -11.27
C LEU A 91 -9.35 24.82 -12.34
N PRO A 92 -9.67 26.10 -12.04
CA PRO A 92 -9.29 27.19 -12.93
C PRO A 92 -7.77 27.18 -13.12
N ALA A 93 -7.30 27.69 -14.25
CA ALA A 93 -5.89 27.61 -14.64
C ALA A 93 -4.89 27.98 -13.54
N GLN A 94 -5.13 29.09 -12.84
CA GLN A 94 -4.23 29.56 -11.79
C GLN A 94 -4.14 28.58 -10.60
N GLU A 95 -5.28 28.11 -10.10
CA GLU A 95 -5.33 27.10 -9.02
C GLU A 95 -4.71 25.78 -9.47
N LEU A 96 -4.94 25.41 -10.73
CA LEU A 96 -4.39 24.16 -11.27
C LEU A 96 -2.86 24.18 -11.30
N GLU A 97 -2.27 25.27 -11.79
CA GLU A 97 -0.81 25.37 -11.80
C GLU A 97 -0.23 25.36 -10.39
N GLU A 98 -0.90 26.06 -9.46
CA GLU A 98 -0.49 26.08 -8.07
C GLU A 98 -0.57 24.69 -7.44
N TYR A 99 -1.68 23.99 -7.68
CA TYR A 99 -1.88 22.63 -7.19
C TYR A 99 -0.83 21.67 -7.74
N ASN A 100 -0.60 21.71 -9.05
CA ASN A 100 0.41 20.84 -9.68
C ASN A 100 1.79 21.06 -9.05
N LYS A 101 2.10 22.32 -8.78
CA LYS A 101 3.40 22.68 -8.20
C LYS A 101 3.53 22.22 -6.74
N ILE A 102 2.45 22.37 -5.99
CA ILE A 102 2.36 21.88 -4.61
C ILE A 102 2.61 20.37 -4.55
N LEU A 103 1.96 19.62 -5.44
CA LEU A 103 2.12 18.16 -5.49
C LEU A 103 3.57 17.77 -5.80
N LEU A 104 4.14 18.43 -6.80
CA LEU A 104 5.54 18.22 -7.17
C LEU A 104 6.48 18.54 -6.02
N ASP A 105 6.23 19.67 -5.35
CA ASP A 105 7.06 20.13 -4.23
C ASP A 105 7.02 19.18 -3.03
N MET A 106 5.82 18.71 -2.68
CA MET A 106 5.66 17.72 -1.61
C MET A 106 6.38 16.39 -1.91
N GLU A 107 6.19 15.85 -3.10
CA GLU A 107 6.86 14.60 -3.47
C GLU A 107 8.39 14.72 -3.46
N THR A 108 8.89 15.83 -3.99
CA THR A 108 10.33 16.08 -4.04
C THR A 108 10.91 16.25 -2.63
N THR A 109 10.26 17.09 -1.83
CA THR A 109 10.66 17.28 -0.44
C THR A 109 10.79 15.94 0.30
N TYR A 110 9.77 15.08 0.20
CA TYR A 110 9.79 13.78 0.87
C TYR A 110 10.91 12.88 0.32
N SER A 111 11.05 12.85 -1.00
CA SER A 111 11.97 11.91 -1.66
C SER A 111 13.45 12.28 -1.51
N VAL A 112 13.74 13.52 -1.14
CA VAL A 112 15.13 13.97 -0.98
C VAL A 112 15.57 14.24 0.46
N ALA A 113 14.62 14.19 1.40
CA ALA A 113 14.93 14.47 2.81
C ALA A 113 16.02 13.52 3.33
N THR A 114 16.97 14.09 4.08
CA THR A 114 18.03 13.31 4.75
C THR A 114 18.08 13.65 6.23
N VAL A 115 18.66 12.75 7.01
CA VAL A 115 18.81 12.96 8.45
C VAL A 115 20.29 12.85 8.79
N CYS A 116 20.87 13.92 9.32
CA CYS A 116 22.31 14.01 9.51
C CYS A 116 22.67 14.08 11.00
N HIS A 117 23.67 13.33 11.37
CA HIS A 117 24.58 13.74 12.42
C HIS A 117 25.36 15.00 12.11
N PRO A 118 25.40 15.89 13.10
CA PRO A 118 26.28 17.06 13.03
C PRO A 118 27.73 16.65 12.84
N GLN A 119 28.38 17.30 11.89
CA GLN A 119 29.74 16.98 11.49
C GLN A 119 29.94 15.52 11.13
N GLY A 120 28.86 14.87 10.69
CA GLY A 120 28.87 13.45 10.48
C GLY A 120 28.05 13.04 9.28
N SER A 121 27.67 11.78 9.25
CA SER A 121 27.10 11.27 8.01
C SER A 121 25.62 11.61 7.88
N CYS A 122 25.15 11.72 6.65
CA CYS A 122 23.71 11.91 6.39
C CYS A 122 23.05 10.63 5.88
N LEU A 123 21.88 10.34 6.43
CA LEU A 123 21.16 9.10 6.11
C LEU A 123 19.90 9.39 5.33
N GLN A 124 19.73 8.67 4.22
CA GLN A 124 18.50 8.69 3.45
C GLN A 124 17.53 7.66 4.05
N LEU A 125 16.22 7.81 3.79
CA LEU A 125 15.22 6.84 4.26
C LEU A 125 15.50 5.43 3.72
N GLU A 126 15.71 5.35 2.41
CA GLU A 126 16.11 4.10 1.78
C GLU A 126 17.55 4.18 1.25
N PRO A 127 18.42 3.34 1.80
CA PRO A 127 18.01 2.23 2.64
C PRO A 127 18.28 2.50 4.12
N ASP A 128 18.88 3.65 4.40
CA ASP A 128 19.70 3.81 5.61
C ASP A 128 18.83 3.80 6.86
N LEU A 129 17.82 4.66 6.88
CA LEU A 129 16.95 4.80 8.07
C LEU A 129 16.07 3.57 8.25
N THR A 130 15.61 3.01 7.15
CA THR A 130 14.86 1.74 7.13
C THR A 130 15.66 0.64 7.82
N ASN A 131 16.95 0.54 7.48
CA ASN A 131 17.82 -0.45 8.11
C ASN A 131 18.02 -0.23 9.61
N VAL A 132 18.21 1.03 10.03
CA VAL A 132 18.29 1.34 11.48
C VAL A 132 17.01 0.87 12.20
N MET A 133 15.86 1.23 11.66
CA MET A 133 14.57 0.86 12.27
C MET A 133 14.40 -0.66 12.35
N ALA A 134 14.88 -1.36 11.33
CA ALA A 134 14.73 -2.84 11.26
C ALA A 134 15.70 -3.62 12.15
N THR A 135 16.90 -3.11 12.35
CA THR A 135 17.97 -3.91 12.94
C THR A 135 18.45 -3.41 14.30
N SER A 136 18.38 -2.10 14.54
CA SER A 136 18.82 -1.58 15.84
C SER A 136 17.93 -2.06 16.99
N ARG A 137 18.56 -2.45 18.10
CA ARG A 137 17.83 -2.83 19.31
C ARG A 137 18.22 -1.93 20.49
N LYS A 138 18.68 -0.73 20.15
CA LYS A 138 19.01 0.31 21.13
C LYS A 138 17.95 1.42 21.10
N TYR A 139 17.26 1.58 22.22
CA TYR A 139 16.17 2.56 22.36
C TYR A 139 16.52 3.96 21.83
N GLU A 140 17.70 4.46 22.21
CA GLU A 140 18.08 5.83 21.83
C GLU A 140 18.42 5.97 20.34
N ASP A 141 19.03 4.94 19.76
CA ASP A 141 19.39 4.95 18.34
C ASP A 141 18.12 4.87 17.47
N LEU A 142 17.17 4.06 17.92
CA LEU A 142 15.87 3.97 17.25
C LEU A 142 15.14 5.30 17.32
N LEU A 143 15.21 5.96 18.47
CA LEU A 143 14.59 7.27 18.66
C LEU A 143 15.20 8.36 17.78
N TRP A 144 16.52 8.36 17.66
CA TRP A 144 17.22 9.30 16.79
C TRP A 144 16.69 9.22 15.34
N ALA A 145 16.55 8.01 14.81
CA ALA A 145 16.09 7.81 13.43
C ALA A 145 14.60 8.15 13.28
N TRP A 146 13.81 7.75 14.27
CA TRP A 146 12.35 7.95 14.25
C TRP A 146 12.00 9.43 14.31
N GLU A 147 12.62 10.13 15.26
CA GLU A 147 12.40 11.56 15.45
C GLU A 147 13.04 12.37 14.32
N GLY A 148 14.27 12.02 13.96
CA GLY A 148 15.02 12.71 12.93
C GLY A 148 14.27 12.71 11.61
N TRP A 149 13.72 11.55 11.25
CA TRP A 149 12.94 11.43 10.03
C TRP A 149 11.71 12.33 10.07
N ARG A 150 11.00 12.36 11.21
CA ARG A 150 9.85 13.27 11.34
C ARG A 150 10.27 14.74 11.31
N ASP A 151 11.37 15.07 12.01
CA ASP A 151 11.92 16.42 12.01
C ASP A 151 12.22 16.95 10.61
N LYS A 152 12.76 16.09 9.74
CA LYS A 152 13.24 16.52 8.43
C LYS A 152 12.21 16.37 7.31
N ALA A 153 11.49 15.25 7.29
CA ALA A 153 10.48 15.04 6.26
C ALA A 153 9.10 15.57 6.65
N GLY A 154 8.63 15.21 7.85
CA GLY A 154 7.30 15.62 8.30
C GLY A 154 7.11 17.13 8.44
N ARG A 155 8.03 17.78 9.15
CA ARG A 155 7.96 19.22 9.36
C ARG A 155 8.02 20.02 8.04
N ALA A 156 8.82 19.53 7.10
CA ALA A 156 8.99 20.16 5.79
C ALA A 156 7.73 20.12 4.91
N ILE A 157 6.88 19.14 5.14
CA ILE A 157 5.62 18.99 4.40
C ILE A 157 4.53 19.94 4.91
N LEU A 158 4.59 20.28 6.18
CA LEU A 158 3.56 21.11 6.83
C LEU A 158 3.26 22.42 6.09
N GLN A 159 4.30 23.07 5.54
CA GLN A 159 4.10 24.36 4.86
C GLN A 159 3.18 24.24 3.64
N PHE A 160 3.16 23.06 3.02
CA PHE A 160 2.37 22.81 1.82
C PHE A 160 0.94 22.30 2.07
N TYR A 161 0.73 21.58 3.17
CA TYR A 161 -0.47 20.77 3.33
C TYR A 161 -1.81 21.53 3.38
N PRO A 162 -1.91 22.61 4.17
CA PRO A 162 -3.21 23.33 4.17
C PRO A 162 -3.67 23.80 2.78
N LYS A 163 -2.76 24.32 1.97
CA LYS A 163 -3.09 24.73 0.60
C LYS A 163 -3.45 23.54 -0.29
N TYR A 164 -2.70 22.44 -0.14
CA TYR A 164 -3.04 21.18 -0.80
C TYR A 164 -4.48 20.77 -0.52
N VAL A 165 -4.85 20.74 0.75
CA VAL A 165 -6.21 20.43 1.19
C VAL A 165 -7.25 21.36 0.56
N GLU A 166 -6.99 22.67 0.59
CA GLU A 166 -7.89 23.65 -0.01
C GLU A 166 -8.13 23.35 -1.50
N LEU A 167 -7.04 23.11 -2.23
CA LEU A 167 -7.12 22.92 -3.69
C LEU A 167 -7.70 21.57 -4.11
N ILE A 168 -7.31 20.49 -3.42
CA ILE A 168 -7.88 19.18 -3.74
C ILE A 168 -9.38 19.12 -3.40
N ASN A 169 -9.78 19.76 -2.29
CA ASN A 169 -11.20 19.90 -1.94
C ASN A 169 -11.97 20.71 -2.98
N GLN A 170 -11.37 21.80 -3.45
CA GLN A 170 -11.98 22.66 -4.48
C GLN A 170 -12.23 21.86 -5.77
N ALA A 171 -11.21 21.13 -6.23
CA ALA A 171 -11.35 20.25 -7.39
C ALA A 171 -12.49 19.24 -7.20
N ALA A 172 -12.56 18.62 -6.02
CA ALA A 172 -13.59 17.64 -5.70
C ALA A 172 -15.00 18.25 -5.82
N ARG A 173 -15.18 19.43 -5.21
CA ARG A 173 -16.44 20.18 -5.28
C ARG A 173 -16.83 20.56 -6.71
N LEU A 174 -15.84 20.96 -7.52
CA LEU A 174 -16.08 21.28 -8.93
C LEU A 174 -16.45 20.06 -9.76
N ASN A 175 -16.26 18.86 -9.20
CA ASN A 175 -16.67 17.63 -9.87
C ASN A 175 -17.92 16.98 -9.27
N GLY A 176 -18.56 17.70 -8.35
CA GLY A 176 -19.85 17.30 -7.80
C GLY A 176 -19.77 16.55 -6.47
N TYR A 177 -18.57 16.49 -5.89
CA TYR A 177 -18.40 15.86 -4.58
C TYR A 177 -18.43 16.90 -3.48
N VAL A 178 -18.52 16.45 -2.22
CA VAL A 178 -18.58 17.38 -1.09
C VAL A 178 -17.16 17.79 -0.65
N ASP A 179 -16.21 16.87 -0.82
CA ASP A 179 -14.80 17.11 -0.49
C ASP A 179 -13.94 16.02 -1.16
N ALA A 180 -12.61 16.12 -1.07
CA ALA A 180 -11.71 15.13 -1.68
C ALA A 180 -11.90 13.71 -1.13
N GLY A 181 -12.27 13.59 0.13
CA GLY A 181 -12.47 12.29 0.77
C GLY A 181 -13.67 11.58 0.16
N ASP A 182 -14.73 12.37 -0.03
CA ASP A 182 -15.93 11.93 -0.75
C ASP A 182 -15.56 11.41 -2.14
N SER A 183 -14.83 12.23 -2.90
CA SER A 183 -14.35 11.84 -4.22
C SER A 183 -13.58 10.50 -4.17
N TRP A 184 -12.61 10.38 -3.27
CA TRP A 184 -11.80 9.15 -3.17
C TRP A 184 -12.63 7.91 -2.83
N ARG A 185 -13.51 8.03 -1.84
CA ARG A 185 -14.34 6.90 -1.41
C ARG A 185 -15.24 6.40 -2.54
N SER A 186 -15.61 7.32 -3.43
CA SER A 186 -16.47 7.00 -4.57
C SER A 186 -15.83 6.02 -5.54
N MET A 187 -14.50 5.87 -5.48
CA MET A 187 -13.80 4.86 -6.29
C MET A 187 -14.32 3.43 -6.07
N TYR A 188 -14.98 3.19 -4.93
CA TYR A 188 -15.49 1.87 -4.59
C TYR A 188 -16.93 1.59 -5.03
N GLU A 189 -17.63 2.65 -5.44
CA GLU A 189 -19.04 2.57 -5.86
C GLU A 189 -19.88 1.78 -4.85
N THR A 190 -19.64 2.05 -3.57
CA THR A 190 -20.23 1.28 -2.49
C THR A 190 -20.77 2.22 -1.43
N PRO A 191 -22.09 2.51 -1.46
CA PRO A 191 -22.71 3.43 -0.50
C PRO A 191 -22.42 3.04 0.96
N SER A 192 -22.37 1.74 1.24
CA SER A 192 -22.14 1.23 2.61
C SER A 192 -20.66 1.16 3.03
N LEU A 193 -19.76 1.74 2.23
CA LEU A 193 -18.31 1.59 2.43
C LEU A 193 -17.83 1.82 3.87
N GLU A 194 -18.16 2.98 4.45
CA GLU A 194 -17.62 3.33 5.76
C GLU A 194 -18.01 2.30 6.83
N GLN A 195 -19.28 1.88 6.80
CA GLN A 195 -19.77 0.89 7.75
C GLN A 195 -19.20 -0.52 7.48
N ASP A 196 -19.10 -0.89 6.20
CA ASP A 196 -18.51 -2.17 5.80
C ASP A 196 -17.09 -2.29 6.34
N LEU A 197 -16.29 -1.23 6.15
CA LEU A 197 -14.90 -1.21 6.58
C LEU A 197 -14.78 -1.27 8.10
N GLU A 198 -15.64 -0.51 8.79
CA GLU A 198 -15.69 -0.56 10.25
C GLU A 198 -15.99 -1.98 10.80
N ARG A 199 -16.96 -2.67 10.20
CA ARG A 199 -17.29 -4.05 10.57
C ARG A 199 -16.08 -4.98 10.40
N LEU A 200 -15.39 -4.87 9.27
CA LEU A 200 -14.20 -5.68 9.00
C LEU A 200 -13.09 -5.40 10.02
N PHE A 201 -12.91 -4.11 10.35
CA PHE A 201 -11.91 -3.73 11.35
C PHE A 201 -12.23 -4.36 12.71
N GLN A 202 -13.50 -4.22 13.13
CA GLN A 202 -13.94 -4.80 14.40
C GLN A 202 -13.72 -6.31 14.48
N GLU A 203 -13.90 -7.01 13.37
CA GLU A 203 -13.68 -8.46 13.31
C GLU A 203 -12.24 -8.89 13.58
N LEU A 204 -11.29 -8.04 13.23
CA LEU A 204 -9.88 -8.35 13.43
C LEU A 204 -9.33 -7.91 14.78
N GLN A 205 -10.20 -7.36 15.62
CA GLN A 205 -9.82 -6.84 16.94
C GLN A 205 -9.26 -7.90 17.91
N PRO A 206 -9.98 -9.03 18.11
CA PRO A 206 -9.40 -10.05 18.99
C PRO A 206 -7.98 -10.46 18.60
N LEU A 207 -7.73 -10.61 17.30
CA LEU A 207 -6.43 -11.03 16.83
C LEU A 207 -5.38 -9.91 17.03
N TYR A 208 -5.71 -8.68 16.63
CA TYR A 208 -4.77 -7.57 16.81
C TYR A 208 -4.46 -7.30 18.30
N LEU A 209 -5.50 -7.24 19.12
CA LEU A 209 -5.28 -6.99 20.56
C LEU A 209 -4.39 -8.05 21.21
N ASN A 210 -4.61 -9.32 20.84
CA ASN A 210 -3.79 -10.41 21.35
C ASN A 210 -2.36 -10.34 20.85
N LEU A 211 -2.17 -9.96 19.59
CA LEU A 211 -0.82 -9.81 19.05
C LEU A 211 -0.12 -8.64 19.75
N HIS A 212 -0.84 -7.52 19.87
CA HIS A 212 -0.36 -6.31 20.53
C HIS A 212 0.12 -6.60 21.95
N ALA A 213 -0.71 -7.31 22.74
CA ALA A 213 -0.37 -7.64 24.12
C ALA A 213 0.85 -8.56 24.21
N TYR A 214 0.95 -9.52 23.29
CA TYR A 214 2.09 -10.44 23.26
C TYR A 214 3.41 -9.71 22.93
N VAL A 215 3.37 -8.89 21.88
CA VAL A 215 4.52 -8.08 21.47
C VAL A 215 4.92 -7.07 22.57
N ARG A 216 3.93 -6.42 23.19
CA ARG A 216 4.20 -5.50 24.30
C ARG A 216 4.98 -6.19 25.46
N ARG A 217 4.62 -7.43 25.77
CA ARG A 217 5.32 -8.20 26.80
C ARG A 217 6.77 -8.49 26.39
N ALA A 218 6.97 -8.86 25.12
CA ALA A 218 8.32 -9.14 24.61
C ALA A 218 9.21 -7.88 24.59
N LEU A 219 8.59 -6.74 24.29
CA LEU A 219 9.29 -5.44 24.36
C LEU A 219 9.66 -5.04 25.79
N HIS A 220 8.74 -5.32 26.74
CA HIS A 220 8.98 -5.17 28.17
C HIS A 220 10.22 -5.97 28.60
N ARG A 221 10.28 -7.22 28.17
CA ARG A 221 11.45 -8.06 28.39
C ARG A 221 12.71 -7.36 27.91
N HIS A 222 12.74 -6.98 26.63
CA HIS A 222 13.97 -6.48 26.01
C HIS A 222 14.37 -5.07 26.44
N TYR A 223 13.41 -4.15 26.43
CA TYR A 223 13.71 -2.73 26.62
C TYR A 223 13.57 -2.23 28.06
N GLY A 224 12.99 -3.07 28.92
CA GLY A 224 12.94 -2.80 30.36
C GLY A 224 11.61 -2.32 30.86
N ALA A 225 11.33 -2.64 32.13
CA ALA A 225 10.08 -2.23 32.78
C ALA A 225 9.90 -0.71 32.84
N GLN A 226 11.00 0.03 32.87
CA GLN A 226 10.95 1.50 32.94
C GLN A 226 10.54 2.16 31.63
N HIS A 227 10.47 1.38 30.55
CA HIS A 227 10.20 1.92 29.21
C HIS A 227 8.98 1.34 28.51
N ILE A 228 8.35 0.34 29.15
CA ILE A 228 7.15 -0.31 28.61
C ILE A 228 6.10 -0.45 29.70
N ASN A 229 4.93 0.14 29.46
CA ASN A 229 3.77 -0.02 30.34
C ASN A 229 2.91 -1.17 29.84
N LEU A 230 2.87 -2.24 30.64
CA LEU A 230 2.16 -3.46 30.26
C LEU A 230 0.63 -3.29 30.16
N GLU A 231 0.13 -2.14 30.59
CA GLU A 231 -1.27 -1.79 30.40
C GLU A 231 -1.46 -0.52 29.54
N GLY A 232 -0.38 -0.11 28.87
CA GLY A 232 -0.42 1.12 28.08
C GLY A 232 -0.09 0.93 26.61
N PRO A 233 -0.11 2.02 25.83
CA PRO A 233 0.30 1.92 24.43
C PRO A 233 1.81 1.66 24.30
N ILE A 234 2.21 1.11 23.16
CA ILE A 234 3.60 0.78 22.84
C ILE A 234 4.30 1.97 22.18
N PRO A 235 5.51 2.35 22.65
CA PRO A 235 6.25 3.42 21.96
C PRO A 235 6.47 3.07 20.48
N ALA A 236 6.16 4.03 19.62
CA ALA A 236 6.03 3.83 18.16
C ALA A 236 7.31 3.52 17.39
N HIS A 237 8.46 3.63 18.05
CA HIS A 237 9.77 3.44 17.40
C HIS A 237 10.36 2.05 17.58
N LEU A 238 9.63 1.16 18.24
CA LEU A 238 10.20 -0.14 18.66
C LEU A 238 9.74 -1.35 17.85
N LEU A 239 9.05 -1.12 16.74
CA LEU A 239 8.36 -2.20 16.03
C LEU A 239 9.07 -2.65 14.74
N GLY A 240 10.29 -2.13 14.50
CA GLY A 240 11.15 -2.59 13.38
C GLY A 240 10.89 -1.87 12.06
N ASN A 241 9.99 -0.88 12.10
CA ASN A 241 9.52 -0.18 10.91
C ASN A 241 9.27 1.29 11.26
N MET A 242 9.61 2.18 10.33
CA MET A 242 9.52 3.63 10.56
C MET A 242 8.13 4.08 11.05
N TRP A 243 7.08 3.43 10.54
CA TRP A 243 5.69 3.81 10.82
C TRP A 243 4.99 2.84 11.76
N ALA A 244 5.73 1.84 12.27
CA ALA A 244 5.16 0.70 12.99
C ALA A 244 3.95 0.09 12.27
N GLN A 245 3.98 0.07 10.95
CA GLN A 245 2.84 -0.44 10.17
C GLN A 245 2.92 -1.94 9.94
N THR A 246 4.14 -2.46 9.99
CA THR A 246 4.42 -3.90 9.94
C THR A 246 5.53 -4.16 10.94
N TRP A 247 5.43 -5.28 11.64
CA TRP A 247 6.27 -5.54 12.80
C TRP A 247 7.22 -6.71 12.62
N SER A 248 7.30 -7.23 11.40
CA SER A 248 8.02 -8.49 11.17
C SER A 248 9.55 -8.41 11.41
N ASN A 249 10.11 -7.19 11.40
CA ASN A 249 11.55 -7.02 11.67
C ASN A 249 11.99 -7.20 13.12
N ILE A 250 11.03 -7.26 14.04
CA ILE A 250 11.32 -7.61 15.44
C ILE A 250 10.93 -9.06 15.79
N TYR A 251 10.78 -9.89 14.75
CA TYR A 251 10.57 -11.32 14.94
C TYR A 251 11.55 -11.93 15.96
N ASP A 252 12.83 -11.58 15.86
CA ASP A 252 13.85 -12.05 16.82
C ASP A 252 13.52 -11.77 18.29
N LEU A 253 12.82 -10.68 18.57
CA LEU A 253 12.46 -10.35 19.95
C LEU A 253 11.21 -11.10 20.44
N VAL A 254 10.44 -11.66 19.50
CA VAL A 254 9.12 -12.20 19.85
C VAL A 254 8.89 -13.67 19.47
N VAL A 255 9.93 -14.35 18.96
CA VAL A 255 9.83 -15.76 18.54
C VAL A 255 9.05 -16.59 19.58
N PRO A 256 7.92 -17.20 19.17
CA PRO A 256 7.19 -18.10 20.08
C PRO A 256 8.04 -19.27 20.57
N PHE A 257 8.76 -19.92 19.66
CA PHE A 257 9.59 -21.08 19.99
C PHE A 257 11.03 -20.87 19.56
N PRO A 258 11.83 -20.18 20.41
CA PRO A 258 13.22 -19.88 20.07
C PRO A 258 14.08 -21.14 19.90
N SER A 259 13.61 -22.27 20.40
CA SER A 259 14.29 -23.56 20.21
C SER A 259 14.17 -24.09 18.78
N ALA A 260 13.21 -23.56 18.02
CA ALA A 260 13.07 -23.89 16.60
C ALA A 260 13.61 -22.73 15.75
N PRO A 261 14.94 -22.68 15.54
CA PRO A 261 15.50 -21.53 14.85
C PRO A 261 15.21 -21.57 13.35
N SER A 262 15.06 -20.40 12.75
CA SER A 262 14.84 -20.29 11.32
C SER A 262 16.01 -19.57 10.66
N MET A 263 16.23 -19.85 9.38
CA MET A 263 17.35 -19.28 8.65
C MET A 263 17.30 -17.78 8.49
N ASP A 264 18.49 -17.17 8.55
CA ASP A 264 18.69 -15.79 8.12
C ASP A 264 18.47 -15.78 6.61
N THR A 265 17.26 -15.38 6.21
CA THR A 265 16.85 -15.38 4.80
C THR A 265 17.62 -14.35 3.98
N THR A 266 17.90 -13.19 4.58
CA THR A 266 18.68 -12.13 3.92
C THR A 266 20.11 -12.61 3.64
N GLU A 267 20.73 -13.22 4.65
CA GLU A 267 22.07 -13.76 4.50
C GLU A 267 22.05 -14.87 3.47
N ALA A 268 20.99 -15.69 3.49
CA ALA A 268 20.79 -16.72 2.47
C ALA A 268 20.70 -16.11 1.06
N MET A 269 19.88 -15.05 0.91
CA MET A 269 19.76 -14.37 -0.40
C MET A 269 21.10 -13.76 -0.86
N LEU A 270 21.77 -13.07 0.05
CA LEU A 270 23.08 -12.48 -0.23
C LEU A 270 24.14 -13.54 -0.55
N LYS A 271 24.24 -14.53 0.28
CA LYS A 271 25.20 -15.63 0.07
C LYS A 271 25.03 -16.31 -1.28
N GLN A 272 23.77 -16.54 -1.68
CA GLN A 272 23.48 -17.27 -2.91
C GLN A 272 23.55 -16.35 -4.12
N GLY A 273 23.82 -15.07 -3.85
CA GLY A 273 24.03 -14.06 -4.89
C GLY A 273 22.76 -13.54 -5.55
N TRP A 274 21.67 -13.46 -4.79
CA TRP A 274 20.42 -12.89 -5.28
C TRP A 274 20.62 -11.40 -5.57
N THR A 275 20.05 -10.93 -6.68
CA THR A 275 20.09 -9.53 -7.06
C THR A 275 18.64 -9.04 -7.16
N PRO A 276 18.43 -7.71 -7.23
CA PRO A 276 17.10 -7.22 -7.62
C PRO A 276 16.51 -7.88 -8.87
N ARG A 277 17.30 -8.05 -9.93
CA ARG A 277 16.80 -8.66 -11.17
C ARG A 277 16.29 -10.09 -10.95
N ARG A 278 17.02 -10.87 -10.17
CA ARG A 278 16.62 -12.23 -9.80
C ARG A 278 15.30 -12.26 -9.05
N MET A 279 15.12 -11.30 -8.13
CA MET A 279 13.91 -11.22 -7.33
C MET A 279 12.68 -11.03 -8.22
N PHE A 280 12.80 -10.15 -9.20
CA PHE A 280 11.72 -9.90 -10.16
C PHE A 280 11.51 -11.05 -11.13
N LYS A 281 12.60 -11.73 -11.52
CA LYS A 281 12.51 -12.92 -12.38
C LYS A 281 11.76 -14.05 -11.67
N GLU A 282 12.02 -14.24 -10.38
CA GLU A 282 11.32 -15.25 -9.59
C GLU A 282 9.81 -14.94 -9.46
N ALA A 283 9.49 -13.66 -9.27
CA ALA A 283 8.10 -13.20 -9.29
C ALA A 283 7.44 -13.48 -10.65
N ASP A 284 8.13 -13.12 -11.73
CA ASP A 284 7.68 -13.40 -13.09
C ASP A 284 7.40 -14.89 -13.30
N ASP A 285 8.28 -15.74 -12.76
CA ASP A 285 8.11 -17.21 -12.82
C ASP A 285 6.85 -17.69 -12.09
N PHE A 286 6.57 -17.11 -10.92
CA PHE A 286 5.36 -17.48 -10.18
C PHE A 286 4.11 -17.15 -11.00
N PHE A 287 4.03 -15.92 -11.54
CA PHE A 287 2.90 -15.56 -12.40
C PHE A 287 2.72 -16.54 -13.59
N THR A 288 3.81 -16.83 -14.32
CA THR A 288 3.72 -17.75 -15.48
C THR A 288 3.39 -19.19 -15.07
N SER A 289 3.82 -19.59 -13.88
CA SER A 289 3.50 -20.94 -13.37
C SER A 289 1.99 -21.13 -13.24
N LEU A 290 1.29 -20.03 -12.97
CA LEU A 290 -0.17 -20.03 -12.86
C LEU A 290 -0.87 -19.96 -14.21
N GLY A 291 -0.10 -19.86 -15.29
CA GLY A 291 -0.66 -19.70 -16.63
C GLY A 291 -0.94 -18.22 -16.94
N LEU A 292 -0.47 -17.33 -16.06
CA LEU A 292 -0.67 -15.90 -16.27
C LEU A 292 0.43 -15.36 -17.19
N LEU A 293 0.34 -14.07 -17.55
CA LEU A 293 1.22 -13.50 -18.57
C LEU A 293 2.62 -13.16 -18.07
N PRO A 294 3.66 -13.42 -18.90
CA PRO A 294 4.99 -12.92 -18.58
C PRO A 294 5.07 -11.43 -18.87
N VAL A 295 5.95 -10.70 -18.16
CA VAL A 295 6.22 -9.31 -18.49
C VAL A 295 6.99 -9.24 -19.82
N PRO A 296 6.71 -8.21 -20.66
CA PRO A 296 7.37 -8.14 -21.99
C PRO A 296 8.88 -7.92 -21.88
N PRO A 297 9.65 -8.27 -22.94
CA PRO A 297 11.07 -7.95 -22.97
C PRO A 297 11.36 -6.47 -22.64
N GLU A 298 10.51 -5.57 -23.15
CA GLU A 298 10.60 -4.12 -22.89
C GLU A 298 10.67 -3.75 -21.39
N PHE A 299 9.94 -4.50 -20.56
CA PHE A 299 9.93 -4.31 -19.10
C PHE A 299 11.33 -4.37 -18.52
N TRP A 300 12.08 -5.38 -18.92
CA TRP A 300 13.45 -5.58 -18.41
C TRP A 300 14.40 -4.48 -18.88
N GLN A 301 14.16 -3.97 -20.08
CA GLN A 301 14.99 -2.91 -20.66
C GLN A 301 14.76 -1.55 -19.97
N LYS A 302 13.50 -1.21 -19.72
CA LYS A 302 13.12 0.14 -19.30
C LYS A 302 12.90 0.37 -17.79
N SER A 303 12.63 -0.70 -17.05
CA SER A 303 12.38 -0.59 -15.61
C SER A 303 13.59 -0.11 -14.83
N MET A 304 13.32 0.54 -13.69
CA MET A 304 14.36 0.90 -12.73
C MET A 304 14.20 0.00 -11.50
N LEU A 305 14.97 -1.09 -11.47
CA LEU A 305 14.78 -2.14 -10.46
C LEU A 305 15.73 -2.02 -9.28
N GLU A 306 16.58 -1.00 -9.31
CA GLU A 306 17.50 -0.68 -8.21
C GLU A 306 17.83 0.82 -8.20
N LYS A 307 18.24 1.31 -7.03
CA LYS A 307 18.65 2.70 -6.89
C LYS A 307 19.83 2.97 -7.83
N PRO A 308 19.72 4.02 -8.67
CA PRO A 308 20.82 4.37 -9.58
C PRO A 308 22.04 4.84 -8.82
N THR A 309 23.22 4.59 -9.37
CA THR A 309 24.47 4.95 -8.70
C THR A 309 25.25 6.02 -9.47
N ASP A 310 24.58 6.59 -10.48
CA ASP A 310 25.17 7.58 -11.39
C ASP A 310 24.95 9.02 -10.94
N GLY A 311 24.51 9.19 -9.69
CA GLY A 311 24.30 10.52 -9.13
C GLY A 311 22.88 11.06 -9.25
N ARG A 312 22.02 10.34 -9.97
CA ARG A 312 20.61 10.71 -10.11
C ARG A 312 19.88 10.69 -8.76
N GLU A 313 19.02 11.69 -8.56
CA GLU A 313 18.08 11.71 -7.46
C GLU A 313 16.78 11.09 -7.99
N VAL A 314 16.20 10.15 -7.24
CA VAL A 314 15.00 9.44 -7.70
C VAL A 314 13.92 9.34 -6.61
N VAL A 315 12.69 9.03 -7.04
CA VAL A 315 11.64 8.64 -6.11
C VAL A 315 11.82 7.13 -5.88
N CYS A 316 12.29 6.76 -4.69
CA CYS A 316 12.65 5.37 -4.41
C CYS A 316 11.46 4.45 -4.11
N HIS A 317 10.40 5.00 -3.54
CA HIS A 317 9.20 4.24 -3.18
C HIS A 317 8.71 3.41 -4.37
N ALA A 318 8.52 2.12 -4.13
CA ALA A 318 8.14 1.14 -5.16
C ALA A 318 6.84 1.51 -5.86
N SER A 319 6.85 1.46 -7.20
CA SER A 319 5.63 1.70 -7.97
C SER A 319 5.63 1.02 -9.35
N ALA A 320 4.43 0.75 -9.83
CA ALA A 320 4.22 0.13 -11.13
C ALA A 320 3.51 1.08 -12.06
N TRP A 321 3.89 1.02 -13.33
CA TRP A 321 3.56 2.05 -14.30
C TRP A 321 2.95 1.43 -15.56
N ASP A 322 1.77 1.92 -15.93
CA ASP A 322 1.11 1.57 -17.17
C ASP A 322 1.25 2.78 -18.11
N PHE A 323 1.89 2.57 -19.26
CA PHE A 323 2.10 3.66 -20.22
C PHE A 323 1.01 3.77 -21.30
N TYR A 324 -0.09 3.05 -21.09
CA TYR A 324 -1.31 3.14 -21.91
C TYR A 324 -1.14 2.91 -23.42
N ASN A 325 -0.22 2.02 -23.78
CA ASN A 325 -0.10 1.56 -25.16
C ASN A 325 -0.22 0.04 -25.30
N GLY A 326 -0.51 -0.63 -24.18
CA GLY A 326 -0.65 -2.08 -24.12
C GLY A 326 0.64 -2.86 -24.32
N LYS A 327 1.78 -2.17 -24.24
CA LYS A 327 3.09 -2.77 -24.55
C LYS A 327 4.14 -2.41 -23.49
N ASP A 328 4.08 -1.17 -23.04
CA ASP A 328 5.08 -0.58 -22.18
C ASP A 328 4.59 -0.52 -20.72
N PHE A 329 5.13 -1.43 -19.91
CA PHE A 329 4.84 -1.49 -18.47
C PHE A 329 6.18 -1.57 -17.72
N ARG A 330 6.30 -0.80 -16.65
CA ARG A 330 7.57 -0.69 -15.91
C ARG A 330 7.37 -0.67 -14.40
N ILE A 331 8.38 -1.17 -13.69
CA ILE A 331 8.46 -0.98 -12.24
C ILE A 331 9.61 -0.02 -11.91
N LYS A 332 9.38 0.84 -10.93
CA LYS A 332 10.39 1.74 -10.36
C LYS A 332 10.54 1.46 -8.86
N GLN A 333 11.68 0.88 -8.49
CA GLN A 333 11.89 0.45 -7.12
C GLN A 333 13.37 0.45 -6.75
N CYS A 334 13.69 1.06 -5.62
CA CYS A 334 15.04 0.97 -5.06
C CYS A 334 15.13 -0.32 -4.24
N THR A 335 15.15 -1.44 -4.96
CA THR A 335 15.09 -2.77 -4.39
C THR A 335 16.32 -3.07 -3.55
N THR A 336 16.09 -3.57 -2.34
CA THR A 336 17.12 -4.14 -1.50
C THR A 336 16.97 -5.66 -1.50
N VAL A 337 18.09 -6.37 -1.43
CA VAL A 337 18.10 -7.83 -1.44
C VAL A 337 17.74 -8.38 -0.05
N ASN A 338 16.44 -8.59 0.16
CA ASN A 338 15.91 -9.23 1.38
C ASN A 338 14.50 -9.77 1.13
N LEU A 339 13.94 -10.46 2.13
CA LEU A 339 12.63 -11.10 1.98
C LEU A 339 11.51 -10.08 1.90
N GLU A 340 11.60 -9.04 2.73
CA GLU A 340 10.64 -7.94 2.73
C GLU A 340 10.46 -7.35 1.32
N ASP A 341 11.56 -7.05 0.65
CA ASP A 341 11.52 -6.52 -0.72
C ASP A 341 11.19 -7.55 -1.79
N LEU A 342 11.43 -8.82 -1.49
CA LEU A 342 10.96 -9.90 -2.36
C LEU A 342 9.43 -9.89 -2.40
N VAL A 343 8.81 -9.77 -1.23
CA VAL A 343 7.36 -9.62 -1.15
C VAL A 343 6.90 -8.37 -1.91
N VAL A 344 7.58 -7.23 -1.70
CA VAL A 344 7.25 -5.99 -2.42
C VAL A 344 7.36 -6.15 -3.94
N ALA A 345 8.40 -6.84 -4.40
CA ALA A 345 8.57 -7.12 -5.83
C ALA A 345 7.37 -7.87 -6.41
N HIS A 346 6.86 -8.85 -5.67
CA HIS A 346 5.67 -9.60 -6.06
C HIS A 346 4.43 -8.69 -6.11
N HIS A 347 4.29 -7.85 -5.08
CA HIS A 347 3.21 -6.85 -5.02
C HIS A 347 3.18 -6.00 -6.28
N GLU A 348 4.35 -5.48 -6.65
CA GLU A 348 4.51 -4.63 -7.83
C GLU A 348 4.28 -5.40 -9.12
N MET A 349 4.71 -6.66 -9.16
CA MET A 349 4.47 -7.51 -10.34
C MET A 349 2.98 -7.86 -10.50
N GLY A 350 2.26 -7.86 -9.38
CA GLY A 350 0.79 -7.97 -9.42
C GLY A 350 0.12 -6.81 -10.13
N HIS A 351 0.60 -5.58 -9.89
CA HIS A 351 0.11 -4.39 -10.61
C HIS A 351 0.35 -4.53 -12.12
N ILE A 352 1.57 -4.91 -12.47
CA ILE A 352 1.94 -5.13 -13.88
C ILE A 352 1.04 -6.20 -14.53
N GLN A 353 0.82 -7.30 -13.82
CA GLN A 353 -0.06 -8.36 -14.34
C GLN A 353 -1.45 -7.82 -14.63
N TYR A 354 -2.00 -7.04 -13.69
CA TYR A 354 -3.30 -6.38 -13.89
C TYR A 354 -3.28 -5.48 -15.16
N PHE A 355 -2.23 -4.67 -15.32
CA PHE A 355 -2.07 -3.82 -16.52
C PHE A 355 -2.16 -4.65 -17.79
N MET A 356 -1.39 -5.73 -17.82
CA MET A 356 -1.33 -6.62 -18.97
C MET A 356 -2.65 -7.31 -19.23
N GLN A 357 -3.34 -7.72 -18.16
CA GLN A 357 -4.63 -8.41 -18.28
C GLN A 357 -5.75 -7.57 -18.88
N TYR A 358 -5.84 -6.29 -18.50
CA TYR A 358 -6.91 -5.42 -19.00
C TYR A 358 -6.51 -4.44 -20.12
N LYS A 359 -5.36 -4.69 -20.72
CA LYS A 359 -4.76 -3.77 -21.71
C LYS A 359 -5.61 -3.52 -22.98
N ASP A 360 -6.60 -4.38 -23.23
CA ASP A 360 -7.44 -4.28 -24.44
C ASP A 360 -8.79 -3.61 -24.19
N LEU A 361 -9.04 -3.25 -22.94
CA LEU A 361 -10.23 -2.47 -22.60
C LEU A 361 -10.02 -1.02 -23.01
N PRO A 362 -11.13 -0.26 -23.20
CA PRO A 362 -11.00 1.19 -23.32
C PRO A 362 -10.25 1.73 -22.10
N VAL A 363 -9.36 2.70 -22.31
CA VAL A 363 -8.47 3.22 -21.26
C VAL A 363 -9.20 3.68 -19.98
N ALA A 364 -10.43 4.17 -20.15
CA ALA A 364 -11.25 4.59 -19.02
C ALA A 364 -11.56 3.45 -18.06
N LEU A 365 -11.49 2.22 -18.57
CA LEU A 365 -11.83 1.03 -17.77
C LEU A 365 -10.59 0.25 -17.36
N ARG A 366 -9.43 0.77 -17.74
CA ARG A 366 -8.14 0.18 -17.40
C ARG A 366 -7.72 0.55 -15.96
N GLU A 367 -8.52 0.08 -15.01
CA GLU A 367 -8.28 0.18 -13.56
C GLU A 367 -8.71 -1.15 -12.90
N GLY A 368 -8.32 -1.36 -11.64
CA GLY A 368 -8.80 -2.55 -10.90
C GLY A 368 -10.29 -2.51 -10.67
N ALA A 369 -10.89 -3.66 -10.33
CA ALA A 369 -12.33 -3.71 -9.99
C ALA A 369 -12.66 -2.63 -8.94
N ASN A 370 -11.82 -2.54 -7.93
CA ASN A 370 -11.69 -1.34 -7.08
C ASN A 370 -10.20 -1.19 -6.77
N PRO A 371 -9.76 -0.05 -6.19
CA PRO A 371 -8.32 0.08 -5.92
C PRO A 371 -7.73 -1.02 -5.02
N GLY A 372 -8.53 -1.59 -4.12
CA GLY A 372 -8.09 -2.72 -3.29
C GLY A 372 -7.68 -3.96 -4.07
N PHE A 373 -8.41 -4.26 -5.15
CA PHE A 373 -8.10 -5.42 -6.02
C PHE A 373 -6.72 -5.30 -6.65
N HIS A 374 -6.40 -4.10 -7.13
CA HIS A 374 -5.10 -3.83 -7.76
C HIS A 374 -3.94 -4.10 -6.79
N GLU A 375 -4.12 -3.70 -5.54
CA GLU A 375 -3.14 -3.92 -4.47
C GLU A 375 -3.02 -5.37 -4.03
N ALA A 376 -4.12 -6.12 -4.15
CA ALA A 376 -4.16 -7.49 -3.59
C ALA A 376 -3.46 -8.56 -4.43
N ILE A 377 -3.43 -8.40 -5.75
CA ILE A 377 -3.02 -9.48 -6.67
C ILE A 377 -1.63 -10.04 -6.34
N GLY A 378 -0.63 -9.15 -6.33
CA GLY A 378 0.74 -9.52 -6.01
C GLY A 378 0.90 -10.12 -4.62
N ASP A 379 0.19 -9.55 -3.65
CA ASP A 379 0.23 -10.05 -2.26
C ASP A 379 -0.30 -11.48 -2.15
N VAL A 380 -1.29 -11.83 -2.98
CA VAL A 380 -1.84 -13.19 -2.98
C VAL A 380 -0.73 -14.22 -3.30
N LEU A 381 -0.02 -13.99 -4.39
CA LEU A 381 1.09 -14.88 -4.77
C LEU A 381 2.19 -14.85 -3.71
N ALA A 382 2.47 -13.68 -3.15
CA ALA A 382 3.48 -13.53 -2.11
C ALA A 382 3.16 -14.33 -0.84
N LEU A 383 1.87 -14.54 -0.57
CA LEU A 383 1.46 -15.38 0.56
C LEU A 383 1.99 -16.83 0.38
N SER A 384 1.88 -17.35 -0.83
CA SER A 384 2.37 -18.69 -1.14
C SER A 384 3.90 -18.73 -1.12
N VAL A 385 4.52 -17.72 -1.74
CA VAL A 385 5.96 -17.51 -1.74
C VAL A 385 6.56 -17.57 -0.32
N SER A 386 5.86 -16.95 0.62
CA SER A 386 6.27 -16.85 2.03
C SER A 386 6.24 -18.14 2.86
N THR A 387 5.55 -19.16 2.36
CA THR A 387 5.45 -20.42 3.09
C THR A 387 6.84 -21.04 3.27
N PRO A 388 7.09 -21.67 4.45
CA PRO A 388 8.39 -22.32 4.65
C PRO A 388 8.70 -23.33 3.56
N LYS A 389 7.70 -24.09 3.12
CA LYS A 389 7.85 -25.03 2.02
C LYS A 389 8.39 -24.37 0.75
N HIS A 390 7.78 -23.24 0.36
CA HIS A 390 8.21 -22.53 -0.83
C HIS A 390 9.58 -21.87 -0.69
N LEU A 391 9.82 -21.19 0.43
CA LEU A 391 11.13 -20.61 0.71
C LEU A 391 12.22 -21.69 0.69
N HIS A 392 11.91 -22.86 1.23
CA HIS A 392 12.84 -23.98 1.13
C HIS A 392 13.17 -24.34 -0.32
N SER A 393 12.16 -24.32 -1.20
CA SER A 393 12.36 -24.62 -2.62
C SER A 393 13.18 -23.57 -3.36
N LEU A 394 13.30 -22.38 -2.76
CA LEU A 394 14.15 -21.33 -3.30
C LEU A 394 15.51 -21.36 -2.61
N ASN A 395 15.68 -22.35 -1.72
CA ASN A 395 16.91 -22.56 -0.95
C ASN A 395 17.23 -21.41 0.01
N LEU A 396 16.17 -20.82 0.58
CA LEU A 396 16.32 -19.70 1.52
C LEU A 396 15.93 -20.12 2.94
N LEU A 397 15.32 -21.29 3.05
CA LEU A 397 15.03 -21.94 4.32
C LEU A 397 15.45 -23.40 4.25
N SER A 398 15.70 -24.01 5.42
CA SER A 398 16.17 -25.39 5.50
C SER A 398 15.04 -26.43 5.53
N SER A 399 13.90 -26.08 6.12
CA SER A 399 12.76 -27.01 6.20
C SER A 399 11.51 -26.45 5.49
N GLY A 401 9.34 -26.80 8.95
CA GLY A 401 8.55 -27.91 8.40
C GLY A 401 9.00 -29.27 8.92
N GLY A 402 8.10 -30.01 9.57
CA GLY A 402 6.71 -29.60 9.75
C GLY A 402 6.18 -29.71 11.18
N SER A 403 7.01 -29.30 12.15
CA SER A 403 6.63 -29.31 13.57
C SER A 403 5.61 -28.22 13.89
N ASP A 404 4.87 -28.42 14.98
CA ASP A 404 3.89 -27.45 15.46
C ASP A 404 4.57 -26.15 15.91
N GLU A 405 5.79 -26.28 16.44
CA GLU A 405 6.55 -25.13 16.90
C GLU A 405 7.01 -24.23 15.74
N HIS A 406 7.54 -24.85 14.67
CA HIS A 406 7.89 -24.13 13.44
C HIS A 406 6.64 -23.50 12.81
N ASP A 407 5.51 -24.17 12.98
CA ASP A 407 4.23 -23.73 12.45
C ASP A 407 3.72 -22.46 13.13
N ILE A 408 3.78 -22.43 14.47
CA ILE A 408 3.36 -21.25 15.23
C ILE A 408 4.34 -20.10 15.01
N ASN A 409 5.62 -20.45 14.86
CA ASN A 409 6.66 -19.49 14.50
C ASN A 409 6.38 -18.83 13.17
N PHE A 410 6.00 -19.64 12.17
CA PHE A 410 5.64 -19.12 10.84
C PHE A 410 4.42 -18.20 10.92
N LEU A 411 3.37 -18.65 11.61
CA LEU A 411 2.16 -17.86 11.75
C LEU A 411 2.44 -16.53 12.44
N MET A 412 3.35 -16.54 13.42
CA MET A 412 3.77 -15.31 14.11
C MET A 412 4.46 -14.35 13.14
N LYS A 413 5.39 -14.87 12.33
CA LYS A 413 6.06 -14.06 11.36
C LYS A 413 5.06 -13.38 10.39
N MET A 414 4.07 -14.13 9.93
CA MET A 414 3.04 -13.59 9.03
C MET A 414 2.14 -12.57 9.73
N ALA A 415 1.79 -12.84 10.99
CA ALA A 415 0.93 -11.95 11.76
C ALA A 415 1.60 -10.60 12.01
N LEU A 416 2.91 -10.63 12.28
CA LEU A 416 3.67 -9.39 12.50
C LEU A 416 3.54 -8.42 11.32
N ASP A 417 3.43 -8.96 10.10
CA ASP A 417 3.21 -8.17 8.89
C ASP A 417 1.70 -7.91 8.69
N LYS A 418 0.92 -8.98 8.55
CA LYS A 418 -0.46 -8.88 8.08
C LYS A 418 -1.47 -8.37 9.11
N ILE A 419 -1.33 -8.83 10.36
CA ILE A 419 -2.27 -8.41 11.42
C ILE A 419 -1.95 -6.99 11.90
N ALA A 420 -0.67 -6.73 12.15
CA ALA A 420 -0.24 -5.39 12.62
C ALA A 420 -0.64 -4.28 11.65
N PHE A 421 -0.66 -4.60 10.36
CA PHE A 421 -0.98 -3.61 9.31
C PHE A 421 -2.45 -3.18 9.30
N ILE A 422 -3.33 -4.05 9.78
CA ILE A 422 -4.77 -3.78 9.79
C ILE A 422 -5.16 -2.41 10.41
N PRO A 423 -4.83 -2.17 11.70
CA PRO A 423 -5.25 -0.85 12.21
C PRO A 423 -4.53 0.35 11.58
N PHE A 424 -3.26 0.20 11.20
CA PHE A 424 -2.56 1.29 10.53
C PHE A 424 -3.23 1.63 9.19
N SER A 425 -3.51 0.60 8.39
CA SER A 425 -4.11 0.83 7.08
C SER A 425 -5.54 1.37 7.16
N TYR A 426 -6.21 1.09 8.26
CA TYR A 426 -7.54 1.65 8.53
C TYR A 426 -7.42 3.11 8.97
N LEU A 427 -6.27 3.47 9.53
CA LEU A 427 -6.14 4.68 10.32
C LEU A 427 -5.81 5.88 9.45
N VAL A 428 -5.13 5.62 8.34
CA VAL A 428 -4.52 6.69 7.54
C VAL A 428 -5.59 7.56 6.90
N ASP A 429 -6.56 6.94 6.25
CA ASP A 429 -7.65 7.67 5.60
C ASP A 429 -8.80 8.05 6.54
N GLN A 430 -8.91 7.42 7.71
CA GLN A 430 -9.82 7.98 8.74
C GLN A 430 -9.34 9.40 9.05
N TRP A 431 -8.02 9.56 9.20
CA TRP A 431 -7.43 10.89 9.44
C TRP A 431 -7.66 11.81 8.23
N ARG A 432 -7.30 11.35 7.02
CA ARG A 432 -7.45 12.19 5.82
C ARG A 432 -8.87 12.60 5.48
N TRP A 433 -9.82 11.66 5.60
CA TRP A 433 -11.24 11.97 5.34
C TRP A 433 -11.76 13.06 6.26
N ARG A 434 -11.27 13.07 7.50
CA ARG A 434 -11.65 14.09 8.48
C ARG A 434 -10.90 15.41 8.26
N VAL A 435 -9.69 15.35 7.71
CA VAL A 435 -9.01 16.55 7.21
C VAL A 435 -9.80 17.14 6.03
N PHE A 436 -10.16 16.28 5.07
CA PHE A 436 -10.87 16.73 3.87
C PHE A 436 -12.26 17.30 4.19
N ASP A 437 -12.99 16.70 5.12
CA ASP A 437 -14.32 17.21 5.49
C ASP A 437 -14.31 18.41 6.45
N GLY A 438 -13.13 18.85 6.86
CA GLY A 438 -12.97 20.03 7.69
C GLY A 438 -13.11 19.81 9.20
N SER A 439 -13.28 18.56 9.63
CA SER A 439 -13.37 18.30 11.07
C SER A 439 -12.01 18.32 11.79
N ILE A 440 -10.92 18.12 11.06
CA ILE A 440 -9.58 18.32 11.61
C ILE A 440 -8.96 19.52 10.90
N THR A 441 -8.71 20.59 11.66
CA THR A 441 -8.08 21.81 11.12
C THR A 441 -6.56 21.68 11.15
N LYS A 442 -5.86 22.61 10.49
CA LYS A 442 -4.39 22.64 10.50
C LYS A 442 -3.82 22.83 11.90
N GLU A 443 -4.62 23.38 12.81
CA GLU A 443 -4.25 23.49 14.23
C GLU A 443 -4.18 22.14 14.93
N ASN A 444 -4.93 21.17 14.41
CA ASN A 444 -5.10 19.88 15.07
C ASN A 444 -4.66 18.67 14.24
N TYR A 445 -4.01 18.91 13.09
CA TYR A 445 -3.45 17.83 12.25
C TYR A 445 -2.77 16.74 13.08
N ASN A 446 -1.74 17.15 13.82
CA ASN A 446 -0.86 16.19 14.48
C ASN A 446 -1.48 15.52 15.69
N GLN A 447 -2.22 16.30 16.47
CA GLN A 447 -2.88 15.80 17.66
C GLN A 447 -3.93 14.74 17.32
N GLU A 448 -4.66 14.97 16.23
CA GLU A 448 -5.69 14.02 15.80
C GLU A 448 -5.10 12.76 15.15
N TRP A 449 -3.95 12.93 14.49
CA TRP A 449 -3.17 11.79 14.00
C TRP A 449 -2.82 10.88 15.18
N TRP A 450 -2.21 11.46 16.23
CA TRP A 450 -1.83 10.68 17.42
C TRP A 450 -3.03 10.07 18.19
N SER A 451 -4.14 10.80 18.24
CA SER A 451 -5.40 10.29 18.79
CA SER A 451 -5.38 10.26 18.80
C SER A 451 -5.78 8.96 18.10
N LEU A 452 -5.68 8.93 16.78
CA LEU A 452 -6.02 7.73 15.99
C LEU A 452 -4.96 6.65 16.09
N ARG A 453 -3.70 7.07 16.13
CA ARG A 453 -2.58 6.13 16.33
C ARG A 453 -2.77 5.36 17.64
N LEU A 454 -3.20 6.09 18.67
CA LEU A 454 -3.55 5.49 19.95
C LEU A 454 -4.83 4.64 19.85
N LYS A 455 -5.92 5.24 19.36
CA LYS A 455 -7.22 4.55 19.33
C LYS A 455 -7.17 3.21 18.58
N TYR A 456 -6.55 3.21 17.40
CA TYR A 456 -6.55 2.04 16.53
C TYR A 456 -5.37 1.10 16.71
N GLN A 457 -4.15 1.65 16.76
CA GLN A 457 -2.93 0.83 16.86
C GLN A 457 -2.44 0.60 18.29
N GLY A 458 -2.91 1.42 19.24
CA GLY A 458 -2.39 1.33 20.61
C GLY A 458 -0.92 1.70 20.69
N LEU A 459 -0.56 2.77 19.99
CA LEU A 459 0.82 3.26 20.01
C LEU A 459 0.85 4.67 20.58
N CYS A 460 1.99 5.03 21.16
CA CYS A 460 2.25 6.38 21.63
C CYS A 460 3.58 6.87 21.02
N PRO A 461 3.74 8.19 20.88
CA PRO A 461 5.03 8.68 20.38
C PRO A 461 6.06 8.56 21.51
N PRO A 462 7.31 8.16 21.19
CA PRO A 462 8.34 8.03 22.22
C PRO A 462 8.79 9.37 22.78
N VAL A 463 8.56 10.44 22.02
CA VAL A 463 8.82 11.80 22.48
C VAL A 463 7.63 12.70 22.16
N PRO A 464 7.18 13.45 23.17
CA PRO A 464 6.01 14.33 23.02
C PRO A 464 6.14 15.24 21.80
N ARG A 465 5.05 15.38 21.05
CA ARG A 465 5.05 16.20 19.84
C ARG A 465 4.84 17.67 20.18
N THR A 466 5.36 18.54 19.32
CA THR A 466 5.29 19.98 19.56
C THR A 466 4.73 20.67 18.33
N GLN A 467 4.40 21.96 18.47
CA GLN A 467 3.94 22.78 17.36
CA GLN A 467 3.93 22.74 17.33
C GLN A 467 4.97 22.75 16.22
N GLY A 468 4.48 22.68 14.99
CA GLY A 468 5.39 22.59 13.86
C GLY A 468 5.59 21.15 13.39
N ASP A 469 5.33 20.18 14.26
CA ASP A 469 5.38 18.77 13.88
C ASP A 469 4.18 18.41 13.00
N PHE A 470 4.44 17.58 12.01
CA PHE A 470 3.41 17.12 11.11
C PHE A 470 3.83 15.71 10.69
N ASP A 471 3.59 14.78 11.62
CA ASP A 471 4.04 13.40 11.46
C ASP A 471 3.38 12.66 10.27
N PRO A 472 2.10 12.98 9.94
CA PRO A 472 1.55 12.38 8.71
C PRO A 472 2.42 12.63 7.47
N GLY A 473 3.08 13.79 7.41
CA GLY A 473 3.95 14.16 6.30
C GLY A 473 5.18 13.28 6.14
N ALA A 474 5.58 12.60 7.22
CA ALA A 474 6.70 11.65 7.19
C ALA A 474 6.32 10.27 6.61
N LYS A 475 5.10 10.15 6.12
CA LYS A 475 4.63 8.90 5.50
C LYS A 475 4.39 9.17 4.01
N PHE A 476 5.01 8.37 3.14
CA PHE A 476 5.00 8.62 1.69
C PHE A 476 3.63 9.05 1.14
N HIS A 477 2.59 8.26 1.42
CA HIS A 477 1.28 8.42 0.76
C HIS A 477 0.58 9.76 1.02
N ILE A 478 1.00 10.45 2.07
CA ILE A 478 0.46 11.74 2.46
C ILE A 478 0.95 12.90 1.54
N PRO A 479 2.27 13.22 1.53
CA PRO A 479 2.72 14.22 0.53
C PRO A 479 2.49 13.78 -0.92
N SER A 480 2.50 12.47 -1.15
CA SER A 480 2.33 11.94 -2.49
C SER A 480 0.89 11.88 -2.95
N SER A 481 -0.04 12.17 -2.03
CA SER A 481 -1.47 12.18 -2.32
C SER A 481 -1.93 10.88 -2.98
N VAL A 482 -1.55 9.76 -2.38
CA VAL A 482 -2.03 8.44 -2.79
C VAL A 482 -3.00 7.94 -1.72
N PRO A 483 -4.26 7.66 -2.10
CA PRO A 483 -5.24 7.15 -1.14
C PRO A 483 -4.76 5.86 -0.48
N TYR A 484 -5.16 5.64 0.77
CA TYR A 484 -4.60 4.55 1.55
C TYR A 484 -5.56 3.41 1.89
N ILE A 485 -6.87 3.67 1.88
CA ILE A 485 -7.85 2.65 2.27
C ILE A 485 -7.77 1.39 1.39
N ARG A 486 -7.30 1.55 0.15
CA ARG A 486 -6.98 0.42 -0.73
C ARG A 486 -6.13 -0.68 -0.06
N TYR A 487 -5.19 -0.28 0.79
CA TYR A 487 -4.31 -1.22 1.50
C TYR A 487 -5.02 -2.02 2.59
N PHE A 488 -5.98 -1.39 3.28
CA PHE A 488 -6.83 -2.09 4.24
C PHE A 488 -7.70 -3.10 3.50
N VAL A 489 -8.40 -2.64 2.47
CA VAL A 489 -9.20 -3.52 1.62
C VAL A 489 -8.37 -4.69 1.10
N SER A 490 -7.19 -4.38 0.56
CA SER A 490 -6.27 -5.38 0.03
C SER A 490 -5.97 -6.50 1.04
N PHE A 491 -5.64 -6.11 2.26
CA PHE A 491 -5.26 -7.09 3.29
C PHE A 491 -6.40 -8.03 3.68
N ILE A 492 -7.63 -7.52 3.69
CA ILE A 492 -8.81 -8.39 3.93
C ILE A 492 -9.03 -9.34 2.74
N ILE A 493 -9.10 -8.75 1.55
CA ILE A 493 -9.52 -9.53 0.37
C ILE A 493 -8.44 -10.48 -0.15
N GLN A 494 -7.17 -10.16 0.11
CA GLN A 494 -6.10 -11.05 -0.35
C GLN A 494 -6.17 -12.41 0.34
N PHE A 495 -6.65 -12.44 1.59
CA PHE A 495 -6.86 -13.70 2.28
C PHE A 495 -8.06 -14.46 1.71
N GLN A 496 -9.11 -13.72 1.35
CA GLN A 496 -10.25 -14.33 0.63
C GLN A 496 -9.81 -14.94 -0.71
N PHE A 497 -8.96 -14.24 -1.44
CA PHE A 497 -8.45 -14.74 -2.72
C PHE A 497 -7.58 -15.97 -2.48
N HIS A 498 -6.69 -15.90 -1.48
CA HIS A 498 -5.85 -17.03 -1.10
C HIS A 498 -6.68 -18.29 -0.83
N GLU A 499 -7.68 -18.15 0.03
CA GLU A 499 -8.60 -19.24 0.37
C GLU A 499 -9.30 -19.85 -0.86
N ALA A 500 -9.89 -19.00 -1.69
CA ALA A 500 -10.58 -19.43 -2.90
C ALA A 500 -9.65 -20.13 -3.89
N LEU A 501 -8.48 -19.55 -4.10
CA LEU A 501 -7.50 -20.07 -5.04
C LEU A 501 -6.95 -21.41 -4.57
N CYS A 502 -6.76 -21.54 -3.26
CA CYS A 502 -6.28 -22.78 -2.63
C CYS A 502 -7.30 -23.90 -2.78
N GLN A 503 -8.57 -23.58 -2.54
CA GLN A 503 -9.67 -24.51 -2.80
C GLN A 503 -9.65 -24.93 -4.27
N ALA A 504 -9.55 -23.94 -5.17
CA ALA A 504 -9.49 -24.20 -6.61
C ALA A 504 -8.31 -25.09 -7.02
N ALA A 505 -7.21 -24.98 -6.26
CA ALA A 505 -6.01 -25.80 -6.49
C ALA A 505 -6.04 -27.18 -5.80
N GLY A 506 -7.12 -27.46 -5.09
CA GLY A 506 -7.30 -28.76 -4.41
C GLY A 506 -6.55 -28.92 -3.11
N HIS A 507 -6.17 -27.80 -2.49
CA HIS A 507 -5.50 -27.85 -1.20
C HIS A 507 -6.46 -28.30 -0.11
N THR A 508 -5.98 -29.18 0.76
CA THR A 508 -6.72 -29.61 1.92
C THR A 508 -5.80 -29.38 3.10
N GLY A 509 -6.37 -29.35 4.29
CA GLY A 509 -5.61 -29.05 5.49
C GLY A 509 -5.61 -27.56 5.78
N PRO A 510 -4.84 -27.13 6.80
CA PRO A 510 -4.83 -25.73 7.24
C PRO A 510 -4.51 -24.78 6.10
N LEU A 511 -5.26 -23.68 6.02
CA LEU A 511 -5.10 -22.70 4.96
C LEU A 511 -3.67 -22.13 4.87
N HIS A 512 -3.04 -21.90 6.02
CA HIS A 512 -1.71 -21.29 6.05
C HIS A 512 -0.61 -22.18 5.44
N LYS A 513 -0.93 -23.46 5.20
CA LYS A 513 0.00 -24.39 4.56
C LYS A 513 -0.10 -24.44 3.04
N CYS A 514 -1.07 -23.71 2.49
CA CYS A 514 -1.29 -23.69 1.03
C CYS A 514 -0.23 -22.94 0.24
N ASP A 515 0.18 -23.55 -0.88
CA ASP A 515 1.06 -22.90 -1.85
C ASP A 515 0.48 -23.17 -3.23
N ILE A 516 0.04 -22.10 -3.89
CA ILE A 516 -0.67 -22.21 -5.17
C ILE A 516 0.26 -22.27 -6.38
N TYR A 517 1.56 -22.40 -6.14
CA TYR A 517 2.53 -22.44 -7.22
C TYR A 517 2.13 -23.48 -8.27
N GLN A 518 2.19 -23.05 -9.53
CA GLN A 518 1.88 -23.86 -10.72
C GLN A 518 0.41 -24.21 -10.93
N SER A 519 -0.49 -23.67 -10.10
CA SER A 519 -1.91 -23.98 -10.22
C SER A 519 -2.57 -23.20 -11.36
N LYS A 520 -2.96 -23.94 -12.40
CA LYS A 520 -3.61 -23.34 -13.56
C LYS A 520 -5.04 -22.95 -13.22
N GLU A 521 -5.67 -23.70 -12.32
CA GLU A 521 -7.02 -23.39 -11.86
C GLU A 521 -7.06 -22.05 -11.13
N ALA A 522 -6.04 -21.79 -10.30
CA ALA A 522 -5.90 -20.53 -9.57
C ALA A 522 -5.63 -19.36 -10.53
N GLY A 523 -4.69 -19.55 -11.45
CA GLY A 523 -4.38 -18.55 -12.46
C GLY A 523 -5.61 -18.14 -13.27
N GLN A 524 -6.45 -19.11 -13.61
CA GLN A 524 -7.64 -18.85 -14.42
C GLN A 524 -8.68 -17.99 -13.69
N ARG A 525 -8.84 -18.24 -12.40
CA ARG A 525 -9.74 -17.41 -11.59
C ARG A 525 -9.27 -15.96 -11.55
N LEU A 526 -7.98 -15.78 -11.28
CA LEU A 526 -7.39 -14.44 -11.26
C LEU A 526 -7.50 -13.72 -12.60
N ALA A 527 -7.18 -14.42 -13.69
CA ALA A 527 -7.19 -13.84 -15.05
C ALA A 527 -8.58 -13.35 -15.46
N THR A 528 -9.59 -14.18 -15.22
CA THR A 528 -10.96 -13.84 -15.58
C THR A 528 -11.41 -12.55 -14.86
N ALA A 529 -11.12 -12.47 -13.57
CA ALA A 529 -11.42 -11.26 -12.79
C ALA A 529 -10.64 -10.04 -13.25
N MET A 530 -9.33 -10.19 -13.45
CA MET A 530 -8.48 -9.06 -13.82
C MET A 530 -8.85 -8.49 -15.19
N LYS A 531 -9.25 -9.37 -16.11
CA LYS A 531 -9.64 -8.96 -17.47
C LYS A 531 -10.84 -8.01 -17.48
N LEU A 532 -11.66 -8.06 -16.43
CA LEU A 532 -12.82 -7.17 -16.32
C LEU A 532 -12.41 -5.71 -16.15
N GLY A 533 -11.20 -5.47 -15.67
CA GLY A 533 -10.77 -4.13 -15.26
C GLY A 533 -11.84 -3.46 -14.42
N PHE A 534 -12.17 -2.23 -14.78
CA PHE A 534 -13.19 -1.44 -14.11
C PHE A 534 -14.53 -1.47 -14.88
N SER A 535 -14.71 -2.49 -15.72
CA SER A 535 -15.90 -2.57 -16.60
C SER A 535 -17.21 -2.95 -15.88
N ARG A 536 -17.10 -3.56 -14.70
CA ARG A 536 -18.26 -3.98 -13.93
C ARG A 536 -18.07 -3.58 -12.46
N PRO A 537 -19.17 -3.48 -11.68
CA PRO A 537 -19.00 -3.19 -10.25
C PRO A 537 -18.21 -4.31 -9.58
N TRP A 538 -17.41 -3.97 -8.58
CA TRP A 538 -16.41 -4.91 -8.07
C TRP A 538 -16.94 -6.24 -7.51
N PRO A 539 -18.19 -6.27 -6.96
CA PRO A 539 -18.68 -7.57 -6.47
C PRO A 539 -18.74 -8.68 -7.51
N GLU A 540 -18.81 -8.32 -8.79
CA GLU A 540 -18.74 -9.31 -9.87
C GLU A 540 -17.35 -9.97 -9.94
N ALA A 541 -16.28 -9.17 -9.87
CA ALA A 541 -14.93 -9.73 -9.83
C ALA A 541 -14.68 -10.53 -8.54
N MET A 542 -15.21 -10.05 -7.41
CA MET A 542 -15.16 -10.80 -6.13
C MET A 542 -15.83 -12.17 -6.30
N GLN A 543 -16.99 -12.16 -6.93
CA GLN A 543 -17.77 -13.37 -7.20
C GLN A 543 -17.00 -14.37 -8.06
N LEU A 544 -16.35 -13.88 -9.12
CA LEU A 544 -15.55 -14.71 -10.03
C LEU A 544 -14.40 -15.43 -9.34
N ILE A 545 -13.75 -14.73 -8.41
CA ILE A 545 -12.63 -15.32 -7.68
C ILE A 545 -13.08 -16.27 -6.56
N THR A 546 -14.04 -15.83 -5.75
CA THR A 546 -14.36 -16.49 -4.47
C THR A 546 -15.70 -17.25 -4.43
N GLY A 547 -16.49 -17.12 -5.48
CA GLY A 547 -17.82 -17.70 -5.52
C GLY A 547 -18.82 -16.96 -4.66
N GLN A 548 -18.45 -15.75 -4.24
CA GLN A 548 -19.38 -14.87 -3.55
C GLN A 548 -18.90 -13.42 -3.59
N PRO A 549 -19.78 -12.50 -3.20
CA PRO A 549 -19.75 -11.13 -3.73
C PRO A 549 -19.19 -10.14 -2.70
N GLN A 550 -18.97 -10.61 -1.48
CA GLN A 550 -18.77 -9.72 -0.35
C GLN A 550 -17.30 -9.68 0.07
N MET A 551 -16.89 -8.56 0.66
CA MET A 551 -15.68 -8.53 1.48
C MET A 551 -15.98 -9.23 2.79
N SER A 552 -15.02 -10.00 3.30
CA SER A 552 -15.20 -10.78 4.51
C SER A 552 -13.86 -11.04 5.20
N ALA A 553 -13.82 -10.82 6.51
CA ALA A 553 -12.64 -11.13 7.32
C ALA A 553 -12.47 -12.62 7.65
N SER A 554 -13.46 -13.45 7.29
CA SER A 554 -13.45 -14.86 7.70
C SER A 554 -12.24 -15.66 7.18
N ALA A 555 -11.83 -15.43 5.93
CA ALA A 555 -10.63 -16.09 5.39
C ALA A 555 -9.35 -15.77 6.19
N MET A 556 -9.15 -14.49 6.50
CA MET A 556 -7.99 -14.05 7.28
C MET A 556 -8.05 -14.64 8.69
N LEU A 557 -9.24 -14.62 9.28
CA LEU A 557 -9.45 -15.22 10.60
C LEU A 557 -9.11 -16.73 10.59
N SER A 558 -9.59 -17.44 9.57
CA SER A 558 -9.33 -18.87 9.41
C SER A 558 -7.82 -19.17 9.22
N TYR A 559 -7.17 -18.38 8.36
CA TYR A 559 -5.72 -18.45 8.17
C TYR A 559 -4.99 -18.42 9.52
N PHE A 560 -5.37 -17.46 10.37
CA PHE A 560 -4.68 -17.20 11.64
C PHE A 560 -5.25 -17.89 12.89
N LYS A 561 -6.28 -18.72 12.70
CA LYS A 561 -6.95 -19.36 13.84
CA LYS A 561 -6.96 -19.39 13.81
C LYS A 561 -5.99 -20.11 14.78
N PRO A 562 -5.04 -20.93 14.24
CA PRO A 562 -4.18 -21.59 15.22
C PRO A 562 -3.34 -20.60 16.04
N LEU A 563 -2.96 -19.48 15.43
CA LEU A 563 -2.21 -18.45 16.15
C LEU A 563 -3.06 -17.74 17.18
N LEU A 564 -4.32 -17.45 16.85
CA LEU A 564 -5.22 -16.81 17.81
C LEU A 564 -5.38 -17.68 19.08
N ASP A 565 -5.54 -18.98 18.88
CA ASP A 565 -5.63 -19.93 19.97
C ASP A 565 -4.35 -19.92 20.83
N TRP A 566 -3.19 -19.91 20.16
CA TRP A 566 -1.89 -19.88 20.86
C TRP A 566 -1.72 -18.59 21.67
N LEU A 567 -2.07 -17.46 21.04
CA LEU A 567 -1.94 -16.14 21.67
C LEU A 567 -2.85 -16.01 22.90
N ARG A 568 -4.08 -16.49 22.77
CA ARG A 568 -5.00 -16.47 23.91
C ARG A 568 -4.45 -17.26 25.09
N THR A 569 -3.91 -18.46 24.82
CA THR A 569 -3.34 -19.29 25.88
C THR A 569 -2.12 -18.62 26.50
N GLU A 570 -1.23 -18.12 25.64
CA GLU A 570 0.00 -17.45 26.08
C GLU A 570 -0.28 -16.18 26.88
N ASN A 571 -1.14 -15.31 26.35
CA ASN A 571 -1.50 -14.07 27.05
C ASN A 571 -2.22 -14.30 28.38
N GLU A 572 -3.12 -15.28 28.39
CA GLU A 572 -3.85 -15.61 29.62
C GLU A 572 -2.91 -16.08 30.73
N LEU A 573 -1.93 -16.89 30.38
CA LEU A 573 -1.02 -17.42 31.41
C LEU A 573 -0.09 -16.36 32.01
N HIS A 574 0.15 -15.28 31.26
CA HIS A 574 0.95 -14.15 31.73
C HIS A 574 0.09 -13.04 32.29
N GLY A 575 -1.23 -13.26 32.25
CA GLY A 575 -2.20 -12.32 32.81
C GLY A 575 -2.23 -10.98 32.09
N GLU A 576 -2.10 -10.99 30.77
CA GLU A 576 -2.11 -9.74 30.01
C GLU A 576 -3.49 -9.08 30.05
N LYS A 577 -3.48 -7.76 30.21
CA LYS A 577 -4.64 -6.92 29.98
C LYS A 577 -4.65 -6.61 28.49
N LEU A 578 -5.68 -7.07 27.77
CA LEU A 578 -5.80 -6.76 26.35
C LEU A 578 -6.22 -5.31 26.16
N GLY A 579 -5.60 -4.64 25.20
CA GLY A 579 -5.84 -3.23 24.99
C GLY A 579 -4.87 -2.36 25.78
N TRP A 580 -5.22 -1.08 25.89
CA TRP A 580 -4.36 -0.12 26.55
C TRP A 580 -5.23 0.83 27.39
N PRO A 581 -5.87 0.30 28.46
CA PRO A 581 -6.78 1.09 29.31
C PRO A 581 -6.09 2.30 29.93
N GLN A 582 -4.78 2.17 30.18
CA GLN A 582 -3.94 3.29 30.54
C GLN A 582 -3.48 4.09 29.34
N TYR A 583 -4.47 4.59 28.60
CA TYR A 583 -4.27 5.14 27.26
C TYR A 583 -3.53 6.48 27.23
N ASN A 584 -3.47 7.16 28.37
CA ASN A 584 -2.74 8.42 28.47
C ASN A 584 -1.24 8.24 28.66
N TRP A 585 -0.82 7.02 28.96
CA TRP A 585 0.60 6.74 29.20
C TRP A 585 1.47 7.10 28.00
N THR A 586 2.58 7.77 28.26
CA THR A 586 3.68 7.85 27.29
C THR A 586 5.02 7.66 27.99
N PRO A 587 6.04 7.29 27.21
CA PRO A 587 7.36 6.97 27.76
C PRO A 587 8.22 8.22 27.92
#